data_3R6K
#
_entry.id   3R6K
#
_cell.length_a   73.388
_cell.length_b   100.279
_cell.length_c   82.153
_cell.angle_alpha   90.00
_cell.angle_beta   90.00
_cell.angle_gamma   90.00
#
_symmetry.space_group_name_H-M   'C 2 2 21'
#
loop_
_entity.id
_entity.type
_entity.pdbx_description
1 polymer 'VP1 protein'
2 branched alpha-L-fucopyranose-(1-2)-[alpha-D-galactopyranose-(1-3)]beta-D-galactopyranose
3 non-polymer 1,2-ETHANEDIOL
4 water water
#
_entity_poly.entity_id   1
_entity_poly.type   'polypeptide(L)'
_entity_poly.pdbx_seq_one_letter_code
;GPGSKPFTLPILTIGELTNSRFPVPIDELYTSPNESLVVQPQNGRCALDGELQGTTQLLPTAICSFRGRINQKVSGENHV
WNMQVTNINGTPFDPTEDVPAPLGTPDFSGKLFGVLSQRDHDNACRSHDAVIATNSAKFTPKLGAIQIGTWEEDDVHINQ
PTKFTPVGLFEDGGFNQWTLPNYSGALTLNMGLAPPVAPTFPGEQILFFRSHIPLKGGVADPVIDCLLPQEWIQHLYQES
APSQSDVALIRFTNPDTGRVLFEAKLHRSGYITVANTGSRPIVVPANGYFRFDSWVNQFYSLAPM
;
_entity_poly.pdbx_strand_id   A
#
loop_
_chem_comp.id
_chem_comp.type
_chem_comp.name
_chem_comp.formula
EDO non-polymer 1,2-ETHANEDIOL 'C2 H6 O2'
FUC L-saccharide, alpha linking alpha-L-fucopyranose 'C6 H12 O5'
GAL D-saccharide, beta linking beta-D-galactopyranose 'C6 H12 O6'
GLA D-saccharide, alpha linking alpha-D-galactopyranose 'C6 H12 O6'
#
# COMPACT_ATOMS: atom_id res chain seq x y z
N LYS A 5 -0.12 0.54 -29.31
CA LYS A 5 0.96 0.30 -28.37
C LYS A 5 0.70 -0.94 -27.52
N PRO A 6 1.40 -2.04 -27.82
CA PRO A 6 1.20 -3.33 -27.17
C PRO A 6 1.42 -3.27 -25.65
N PHE A 7 0.58 -4.01 -24.93
CA PHE A 7 0.59 -4.00 -23.47
C PHE A 7 1.68 -4.93 -22.94
N THR A 8 2.45 -4.47 -21.97
CA THR A 8 3.53 -5.27 -21.40
C THR A 8 3.57 -5.16 -19.89
N LEU A 9 4.07 -6.22 -19.25
CA LEU A 9 4.44 -6.18 -17.85
C LEU A 9 5.96 -6.12 -17.77
N PRO A 10 6.51 -5.53 -16.69
CA PRO A 10 7.97 -5.50 -16.59
C PRO A 10 8.47 -6.91 -16.34
N ILE A 11 9.68 -7.20 -16.78
CA ILE A 11 10.29 -8.50 -16.49
C ILE A 11 10.99 -8.47 -15.15
N LEU A 12 10.30 -8.97 -14.12
CA LEU A 12 10.76 -8.89 -12.74
C LEU A 12 10.34 -10.11 -11.93
N THR A 13 11.32 -10.75 -11.29
CA THR A 13 11.04 -11.93 -10.47
C THR A 13 10.48 -11.52 -9.13
N ILE A 14 10.03 -12.51 -8.35
CA ILE A 14 9.47 -12.19 -7.05
C ILE A 14 10.50 -11.47 -6.19
N GLY A 15 11.78 -11.80 -6.37
CA GLY A 15 12.86 -11.14 -5.64
C GLY A 15 13.24 -9.76 -6.17
N GLU A 16 12.47 -9.25 -7.13
CA GLU A 16 12.73 -7.94 -7.72
C GLU A 16 11.48 -7.07 -7.66
N LEU A 17 10.53 -7.49 -6.84
CA LEU A 17 9.29 -6.74 -6.68
C LEU A 17 9.16 -6.12 -5.30
N THR A 18 8.60 -4.91 -5.27
CA THR A 18 8.35 -4.16 -4.05
C THR A 18 6.85 -4.10 -3.73
N ASN A 19 6.49 -4.22 -2.45
CA ASN A 19 5.10 -4.01 -2.03
C ASN A 19 4.68 -2.58 -2.31
N SER A 20 3.48 -2.40 -2.83
CA SER A 20 2.95 -1.08 -3.11
C SER A 20 2.17 -0.49 -1.93
N ARG A 21 2.07 -1.21 -0.82
CA ARG A 21 1.31 -0.75 0.35
C ARG A 21 2.18 -0.57 1.60
N PHE A 22 3.45 -0.95 1.48
CA PHE A 22 4.41 -0.75 2.55
C PHE A 22 5.78 -0.88 1.91
N PRO A 23 6.74 -0.02 2.31
CA PRO A 23 8.04 0.04 1.62
C PRO A 23 8.97 -1.12 1.99
N VAL A 24 8.61 -2.32 1.53
CA VAL A 24 9.42 -3.52 1.69
C VAL A 24 9.28 -4.42 0.47
N PRO A 25 10.19 -5.38 0.29
CA PRO A 25 10.08 -6.29 -0.86
C PRO A 25 8.90 -7.25 -0.70
N ILE A 26 8.39 -7.73 -1.81
CA ILE A 26 7.42 -8.81 -1.80
C ILE A 26 8.12 -10.10 -1.35
N ASP A 27 7.48 -10.84 -0.44
CA ASP A 27 7.96 -12.16 -0.03
C ASP A 27 7.37 -13.33 -0.82
N GLU A 28 6.08 -13.24 -1.14
CA GLU A 28 5.41 -14.38 -1.76
C GLU A 28 4.10 -13.97 -2.42
N LEU A 29 3.58 -14.84 -3.28
CA LEU A 29 2.21 -14.71 -3.78
C LEU A 29 1.27 -15.38 -2.81
N TYR A 30 0.05 -14.86 -2.71
CA TYR A 30 -0.92 -15.42 -1.78
C TYR A 30 -2.34 -15.28 -2.30
N THR A 31 -3.17 -16.28 -2.02
CA THR A 31 -4.58 -16.21 -2.39
C THR A 31 -5.41 -16.79 -1.27
N SER A 32 -6.62 -16.27 -1.09
CA SER A 32 -7.55 -16.81 -0.11
C SER A 32 -8.95 -16.41 -0.53
N PRO A 33 -9.95 -17.14 0.00
CA PRO A 33 -11.35 -16.77 -0.24
C PRO A 33 -11.61 -15.37 0.29
N ASN A 34 -12.46 -14.62 -0.40
CA ASN A 34 -12.77 -13.26 0.01
C ASN A 34 -13.58 -13.24 1.31
N GLU A 35 -14.56 -14.12 1.39
CA GLU A 35 -15.45 -14.20 2.54
C GLU A 35 -16.20 -12.89 2.78
N SER A 36 -16.11 -12.37 4.00
CA SER A 36 -16.86 -11.17 4.38
C SER A 36 -15.98 -9.92 4.34
N LEU A 37 -14.74 -10.11 3.91
CA LEU A 37 -13.77 -9.04 3.86
C LEU A 37 -14.07 -8.05 2.73
N VAL A 38 -13.90 -6.76 3.02
CA VAL A 38 -13.98 -5.75 1.99
C VAL A 38 -12.56 -5.30 1.65
N VAL A 39 -12.09 -5.74 0.49
CA VAL A 39 -10.74 -5.42 0.04
C VAL A 39 -10.73 -4.11 -0.73
N GLN A 40 -10.30 -3.03 -0.07
CA GLN A 40 -10.35 -1.71 -0.70
C GLN A 40 -9.08 -0.89 -0.42
N PRO A 41 -7.91 -1.49 -0.66
CA PRO A 41 -6.66 -0.77 -0.43
C PRO A 41 -6.60 0.52 -1.27
N GLN A 42 -5.93 1.55 -0.75
CA GLN A 42 -5.84 2.84 -1.43
C GLN A 42 -4.45 3.08 -2.00
N ASN A 43 -3.45 2.45 -1.39
CA ASN A 43 -2.14 2.37 -2.00
C ASN A 43 -2.07 1.15 -2.91
N GLY A 44 -1.22 1.20 -3.92
CA GLY A 44 -1.09 0.09 -4.86
C GLY A 44 -2.30 -0.03 -5.78
N ARG A 45 -2.86 1.11 -6.17
CA ARG A 45 -4.02 1.13 -7.05
C ARG A 45 -3.71 1.86 -8.34
N CYS A 46 -3.90 1.18 -9.47
CA CYS A 46 -3.57 1.73 -10.78
C CYS A 46 -4.35 0.97 -11.86
N ALA A 47 -5.06 1.70 -12.70
CA ALA A 47 -5.72 1.06 -13.85
C ALA A 47 -4.66 0.63 -14.86
N LEU A 48 -4.99 -0.30 -15.73
CA LEU A 48 -4.00 -0.86 -16.65
C LEU A 48 -3.48 0.17 -17.65
N ASP A 49 -4.20 1.27 -17.79
CA ASP A 49 -3.76 2.33 -18.70
C ASP A 49 -2.84 3.33 -17.99
N GLY A 50 -2.48 3.02 -16.75
CA GLY A 50 -1.52 3.84 -16.02
C GLY A 50 -2.11 4.95 -15.15
N GLU A 51 -3.43 4.97 -15.00
CA GLU A 51 -4.08 5.94 -14.13
C GLU A 51 -3.99 5.54 -12.66
N LEU A 52 -3.21 6.27 -11.87
CA LEU A 52 -3.10 6.04 -10.43
C LEU A 52 -4.41 6.36 -9.73
N GLN A 53 -4.71 5.63 -8.66
CA GLN A 53 -5.96 5.82 -7.93
C GLN A 53 -5.77 5.84 -6.42
N GLY A 54 -6.81 6.20 -5.70
CA GLY A 54 -6.74 6.31 -4.25
C GLY A 54 -5.61 7.24 -3.82
N THR A 55 -4.74 6.74 -2.96
CA THR A 55 -3.62 7.53 -2.47
C THR A 55 -2.32 7.12 -3.10
N THR A 56 -2.40 6.42 -4.24
CA THR A 56 -1.23 5.84 -4.87
C THR A 56 -0.31 6.87 -5.53
N GLN A 57 0.98 6.75 -5.25
CA GLN A 57 1.98 7.61 -5.87
C GLN A 57 3.16 6.73 -6.24
N LEU A 58 4.16 7.30 -6.91
CA LEU A 58 5.17 6.49 -7.56
C LEU A 58 6.38 6.06 -6.72
N LEU A 59 6.67 6.81 -5.66
CA LEU A 59 7.88 6.54 -4.88
C LEU A 59 7.67 5.40 -3.87
N PRO A 60 8.39 4.30 -4.06
CA PRO A 60 8.19 3.16 -3.16
C PRO A 60 8.61 3.47 -1.73
N THR A 61 9.74 4.15 -1.55
CA THR A 61 10.21 4.46 -0.19
C THR A 61 9.23 5.35 0.56
N ALA A 62 8.49 6.17 -0.19
CA ALA A 62 7.56 7.13 0.40
C ALA A 62 6.24 6.54 0.93
N ILE A 63 5.91 5.32 0.53
CA ILE A 63 4.70 4.65 1.03
C ILE A 63 4.72 4.56 2.56
N CYS A 64 3.67 5.06 3.20
CA CYS A 64 3.55 5.08 4.66
C CYS A 64 4.51 6.06 5.38
N SER A 65 5.16 6.93 4.62
CA SER A 65 5.95 8.00 5.25
C SER A 65 5.08 9.22 5.50
N PHE A 66 5.58 10.14 6.33
CA PHE A 66 4.92 11.40 6.58
C PHE A 66 5.94 12.53 6.55
N ARG A 67 5.48 13.73 6.24
CA ARG A 67 6.34 14.89 6.24
C ARG A 67 5.55 16.07 6.73
N GLY A 68 6.22 17.02 7.37
CA GLY A 68 5.55 18.21 7.85
C GLY A 68 6.28 18.88 8.98
N ARG A 69 5.52 19.38 9.94
CA ARG A 69 6.07 20.07 11.09
C ARG A 69 5.24 19.72 12.32
N ILE A 70 5.90 19.68 13.48
CA ILE A 70 5.21 19.49 14.75
C ILE A 70 4.78 20.85 15.29
N ASN A 71 3.49 21.17 15.18
CA ASN A 71 3.01 22.50 15.55
C ASN A 71 2.89 22.72 17.06
N GLN A 72 2.59 21.65 17.80
CA GLN A 72 2.52 21.74 19.25
C GLN A 72 2.52 20.37 19.89
N LYS A 73 2.87 20.34 21.18
CA LYS A 73 2.74 19.13 21.97
C LYS A 73 1.29 18.98 22.40
N VAL A 74 0.77 17.77 22.33
CA VAL A 74 -0.62 17.53 22.71
C VAL A 74 -0.85 17.92 24.16
N SER A 75 -1.88 18.72 24.40
CA SER A 75 -2.17 19.24 25.73
C SER A 75 -2.40 18.10 26.72
N GLY A 76 -1.83 18.25 27.92
CA GLY A 76 -1.95 17.24 28.96
C GLY A 76 -1.49 15.87 28.49
N GLU A 77 -0.56 15.87 27.54
CA GLU A 77 -0.04 14.63 26.99
C GLU A 77 1.48 14.58 27.03
N ASN A 78 2.02 13.52 27.62
CA ASN A 78 3.45 13.30 27.65
C ASN A 78 3.85 12.26 26.62
N HIS A 79 4.71 12.65 25.69
CA HIS A 79 5.21 11.75 24.66
C HIS A 79 4.29 11.68 23.44
N VAL A 80 3.34 12.62 23.35
CA VAL A 80 2.45 12.68 22.18
C VAL A 80 2.47 14.06 21.52
N TRP A 81 2.59 14.09 20.20
CA TRP A 81 2.80 15.32 19.46
C TRP A 81 1.79 15.50 18.32
N ASN A 82 1.53 16.76 17.96
CA ASN A 82 0.67 17.08 16.83
C ASN A 82 1.48 17.42 15.59
N MET A 83 1.18 16.76 14.48
CA MET A 83 1.87 17.05 13.22
C MET A 83 0.97 17.62 12.15
N GLN A 84 1.41 18.72 11.55
CA GLN A 84 0.74 19.25 10.37
C GLN A 84 1.44 18.69 9.14
N VAL A 85 0.74 17.85 8.39
CA VAL A 85 1.37 17.11 7.31
C VAL A 85 1.43 17.88 6.01
N THR A 86 2.48 17.61 5.24
CA THR A 86 2.58 18.09 3.87
C THR A 86 2.69 16.86 2.97
N ASN A 87 2.80 17.12 1.68
CA ASN A 87 3.01 16.04 0.73
C ASN A 87 4.41 15.48 0.88
N ILE A 88 4.68 14.38 0.19
CA ILE A 88 5.97 13.73 0.29
C ILE A 88 7.13 14.64 -0.08
N ASN A 89 6.94 15.48 -1.09
CA ASN A 89 8.01 16.36 -1.56
C ASN A 89 8.04 17.66 -0.77
N GLY A 90 7.25 17.73 0.30
CA GLY A 90 7.29 18.88 1.18
C GLY A 90 6.33 19.98 0.82
N THR A 91 5.66 19.85 -0.32
CA THR A 91 4.67 20.85 -0.72
C THR A 91 3.40 20.75 0.12
N PRO A 92 2.68 21.87 0.25
CA PRO A 92 1.43 21.89 1.03
C PRO A 92 0.43 20.87 0.48
N PHE A 93 -0.18 20.10 1.37
CA PHE A 93 -1.30 19.26 0.96
C PHE A 93 -2.55 20.10 0.89
N ASP A 94 -3.22 20.05 -0.27
CA ASP A 94 -4.49 20.73 -0.45
C ASP A 94 -5.62 19.74 -0.20
N PRO A 95 -6.37 19.94 0.90
CA PRO A 95 -7.45 19.02 1.29
C PRO A 95 -8.56 18.94 0.25
N THR A 96 -8.63 19.94 -0.63
CA THR A 96 -9.63 19.93 -1.69
C THR A 96 -9.19 19.04 -2.85
N GLU A 97 -7.94 18.59 -2.81
CA GLU A 97 -7.45 17.64 -3.79
C GLU A 97 -8.43 16.47 -3.82
N ASP A 98 -8.76 15.99 -5.01
CA ASP A 98 -9.75 14.93 -5.14
C ASP A 98 -9.15 13.56 -4.81
N VAL A 99 -8.71 13.41 -3.57
CA VAL A 99 -8.10 12.17 -3.11
C VAL A 99 -8.52 11.93 -1.67
N PRO A 100 -8.37 10.69 -1.18
CA PRO A 100 -8.79 10.33 0.18
C PRO A 100 -7.92 10.97 1.25
N ALA A 101 -6.66 11.25 0.89
CA ALA A 101 -5.67 11.79 1.81
C ALA A 101 -4.41 12.05 1.00
N PRO A 102 -3.40 12.69 1.61
CA PRO A 102 -2.14 12.91 0.90
C PRO A 102 -1.64 11.61 0.31
N LEU A 103 -1.11 11.66 -0.90
CA LEU A 103 -0.62 10.44 -1.55
C LEU A 103 0.46 9.80 -0.67
N GLY A 104 0.40 8.47 -0.56
CA GLY A 104 1.34 7.73 0.28
C GLY A 104 0.86 7.48 1.70
N THR A 105 -0.18 8.20 2.12
CA THR A 105 -0.80 7.98 3.44
C THR A 105 -1.10 6.49 3.60
N PRO A 106 -0.78 5.90 4.77
CA PRO A 106 -1.09 4.49 5.01
C PRO A 106 -2.58 4.21 4.80
N ASP A 107 -2.91 3.03 4.30
CA ASP A 107 -4.31 2.69 4.03
C ASP A 107 -4.80 1.53 4.89
N PHE A 108 -4.16 1.32 6.03
CA PHE A 108 -4.61 0.29 6.96
C PHE A 108 -4.73 0.83 8.38
N SER A 109 -5.51 0.14 9.20
CA SER A 109 -5.71 0.53 10.59
C SER A 109 -4.73 -0.18 11.50
N GLY A 110 -4.06 0.57 12.36
CA GLY A 110 -3.13 -0.02 13.30
C GLY A 110 -2.15 1.00 13.85
N LYS A 111 -1.19 0.52 14.63
CA LYS A 111 -0.16 1.38 15.16
C LYS A 111 1.13 1.18 14.39
N LEU A 112 1.50 2.22 13.67
CA LEU A 112 2.63 2.19 12.77
C LEU A 112 3.87 2.60 13.56
N PHE A 113 4.91 1.78 13.51
CA PHE A 113 6.15 2.09 14.21
C PHE A 113 7.24 2.58 13.23
N GLY A 114 8.00 3.58 13.64
CA GLY A 114 9.06 4.09 12.79
C GLY A 114 9.95 5.09 13.50
N VAL A 115 10.59 5.95 12.71
CA VAL A 115 11.50 6.93 13.26
C VAL A 115 11.14 8.32 12.79
N LEU A 116 10.90 9.22 13.76
CA LEU A 116 10.69 10.63 13.49
C LEU A 116 12.03 11.33 13.44
N SER A 117 12.26 12.10 12.38
CA SER A 117 13.50 12.85 12.24
C SER A 117 13.24 14.31 11.90
N GLN A 118 14.16 15.16 12.32
CA GLN A 118 14.06 16.59 12.04
C GLN A 118 15.41 17.16 11.66
N ARG A 119 15.38 18.16 10.78
CA ARG A 119 16.52 19.04 10.61
C ARG A 119 16.01 20.47 10.72
N ASP A 120 16.45 21.16 11.77
CA ASP A 120 15.99 22.52 12.02
C ASP A 120 16.56 23.46 10.98
N HIS A 121 15.99 24.66 10.89
CA HIS A 121 16.46 25.66 9.93
C HIS A 121 17.94 25.94 10.12
N ASP A 122 18.43 25.69 11.34
CA ASP A 122 19.82 25.90 11.70
C ASP A 122 20.66 24.62 11.54
N ASN A 123 20.01 23.59 11.00
CA ASN A 123 20.64 22.27 10.80
C ASN A 123 20.89 21.44 12.06
N ALA A 124 20.26 21.81 13.17
CA ALA A 124 20.26 20.97 14.36
C ALA A 124 19.35 19.79 14.07
N CYS A 125 19.84 18.59 14.34
CA CYS A 125 19.13 17.38 13.93
C CYS A 125 18.82 16.43 15.09
N ARG A 126 17.77 15.64 14.94
CA ARG A 126 17.44 14.59 15.88
C ARG A 126 16.58 13.51 15.23
N SER A 127 16.77 12.26 15.66
CA SER A 127 15.88 11.17 15.29
C SER A 127 15.45 10.43 16.55
N HIS A 128 14.17 10.08 16.61
CA HIS A 128 13.62 9.34 17.76
C HIS A 128 12.51 8.41 17.30
N ASP A 129 12.42 7.25 17.94
CA ASP A 129 11.35 6.30 17.67
C ASP A 129 10.00 6.97 17.79
N ALA A 130 9.04 6.51 17.01
CA ALA A 130 7.73 7.12 17.00
C ALA A 130 6.66 6.11 16.60
N VAL A 131 5.44 6.38 17.04
CA VAL A 131 4.30 5.57 16.67
C VAL A 131 3.20 6.47 16.16
N ILE A 132 2.51 6.00 15.12
CA ILE A 132 1.38 6.71 14.57
C ILE A 132 0.19 5.76 14.53
N ALA A 133 -0.81 6.08 15.34
CA ALA A 133 -2.01 5.26 15.43
C ALA A 133 -3.01 5.70 14.36
N THR A 134 -3.13 4.90 13.32
CA THR A 134 -3.99 5.24 12.18
C THR A 134 -5.45 4.96 12.47
N ASN A 135 -5.70 4.25 13.56
CA ASN A 135 -7.05 3.95 14.01
C ASN A 135 -7.57 4.97 15.03
N SER A 136 -6.71 5.94 15.36
CA SER A 136 -7.04 6.95 16.35
C SER A 136 -7.92 8.06 15.75
N ALA A 137 -8.76 8.65 16.59
CA ALA A 137 -9.60 9.77 16.15
C ALA A 137 -8.74 10.99 15.80
N LYS A 138 -7.50 10.99 16.28
CA LYS A 138 -6.60 12.11 16.03
C LYS A 138 -5.82 11.93 14.73
N PHE A 139 -6.02 10.79 14.08
CA PHE A 139 -5.42 10.55 12.78
C PHE A 139 -6.32 11.10 11.69
N THR A 140 -6.04 12.33 11.26
CA THR A 140 -6.88 13.02 10.28
C THR A 140 -6.07 13.61 9.12
N PRO A 141 -5.32 12.75 8.40
CA PRO A 141 -4.44 13.24 7.32
C PRO A 141 -5.19 14.04 6.28
N LYS A 142 -6.46 13.72 6.05
CA LYS A 142 -7.25 14.40 5.03
C LYS A 142 -7.48 15.85 5.44
N LEU A 143 -7.43 16.10 6.75
CA LEU A 143 -7.57 17.44 7.29
C LEU A 143 -6.20 18.10 7.48
N GLY A 144 -5.14 17.38 7.14
CA GLY A 144 -3.80 17.93 7.18
C GLY A 144 -3.13 17.80 8.54
N ALA A 145 -3.62 16.89 9.36
CA ALA A 145 -3.08 16.75 10.71
C ALA A 145 -3.17 15.33 11.26
N ILE A 146 -2.10 14.88 11.91
CA ILE A 146 -2.09 13.59 12.58
C ILE A 146 -1.40 13.73 13.93
N GLN A 147 -1.45 12.66 14.73
CA GLN A 147 -0.74 12.67 16.00
C GLN A 147 0.35 11.62 16.02
N ILE A 148 1.48 11.98 16.63
CA ILE A 148 2.62 11.09 16.71
C ILE A 148 3.08 10.97 18.15
N GLY A 149 3.24 9.74 18.61
CA GLY A 149 3.76 9.51 19.93
C GLY A 149 5.23 9.15 19.88
N THR A 150 5.97 9.57 20.90
CA THR A 150 7.36 9.16 21.07
C THR A 150 7.51 8.59 22.48
N TRP A 151 8.66 8.02 22.78
CA TRP A 151 8.90 7.46 24.11
C TRP A 151 9.36 8.56 25.06
N GLU A 152 10.19 9.45 24.54
CA GLU A 152 10.69 10.57 25.33
C GLU A 152 10.10 11.88 24.82
N GLU A 153 9.57 12.67 25.74
CA GLU A 153 8.81 13.87 25.40
C GLU A 153 9.69 15.09 25.16
N ASP A 154 10.89 15.07 25.70
CA ASP A 154 11.70 16.29 25.71
C ASP A 154 12.26 16.70 24.35
N ASP A 155 12.84 15.75 23.63
CA ASP A 155 13.66 16.10 22.47
C ASP A 155 12.95 16.03 21.12
N VAL A 156 11.90 16.83 20.96
CA VAL A 156 11.25 17.03 19.66
C VAL A 156 10.97 18.52 19.52
N HIS A 157 11.46 19.12 18.45
CA HIS A 157 11.34 20.56 18.28
C HIS A 157 10.10 20.98 17.50
N ILE A 158 9.63 22.19 17.79
CA ILE A 158 8.39 22.68 17.22
C ILE A 158 8.64 23.50 15.95
N ASN A 159 7.81 23.29 14.95
CA ASN A 159 7.87 24.05 13.71
C ASN A 159 9.22 23.94 13.00
N GLN A 160 9.79 22.74 13.05
CA GLN A 160 11.01 22.42 12.32
C GLN A 160 10.69 21.29 11.36
N PRO A 161 11.27 21.33 10.14
CA PRO A 161 11.03 20.30 9.12
C PRO A 161 11.13 18.88 9.70
N THR A 162 10.03 18.12 9.60
CA THR A 162 9.93 16.80 10.20
C THR A 162 9.55 15.72 9.20
N LYS A 163 10.14 14.54 9.34
CA LYS A 163 9.78 13.40 8.51
C LYS A 163 9.56 12.18 9.38
N PHE A 164 8.72 11.27 8.90
CA PHE A 164 8.53 9.98 9.55
C PHE A 164 8.93 8.88 8.58
N THR A 165 9.88 8.05 8.99
CA THR A 165 10.29 6.90 8.20
C THR A 165 9.65 5.65 8.81
N PRO A 166 8.73 5.02 8.06
CA PRO A 166 8.05 3.83 8.60
C PRO A 166 9.01 2.64 8.67
N VAL A 167 8.82 1.77 9.66
CA VAL A 167 9.64 0.58 9.81
C VAL A 167 8.76 -0.67 9.84
N GLY A 168 7.69 -0.60 10.60
CA GLY A 168 6.75 -1.71 10.68
C GLY A 168 5.61 -1.40 11.62
N LEU A 169 5.08 -2.43 12.27
CA LEU A 169 4.01 -2.27 13.24
C LEU A 169 4.57 -2.15 14.67
N PHE A 170 3.96 -1.27 15.46
CA PHE A 170 4.28 -1.16 16.87
C PHE A 170 3.77 -2.38 17.64
N GLU A 171 2.54 -2.78 17.32
CA GLU A 171 1.90 -3.92 17.95
C GLU A 171 0.95 -4.58 16.97
N ASP A 172 0.54 -5.81 17.26
CA ASP A 172 -0.32 -6.55 16.35
C ASP A 172 -1.80 -6.38 16.70
N GLY A 173 -2.10 -6.18 17.97
CA GLY A 173 -3.47 -5.98 18.41
C GLY A 173 -4.08 -4.77 17.74
N GLY A 174 -5.23 -4.96 17.12
CA GLY A 174 -5.93 -3.87 16.45
C GLY A 174 -5.51 -3.66 15.02
N PHE A 175 -4.52 -4.44 14.56
CA PHE A 175 -4.06 -4.33 13.18
C PHE A 175 -5.00 -5.08 12.24
N ASN A 176 -5.60 -4.33 11.32
CA ASN A 176 -6.41 -4.93 10.26
C ASN A 176 -6.02 -4.27 8.94
N GLN A 177 -5.43 -5.04 8.05
CA GLN A 177 -4.90 -4.49 6.82
C GLN A 177 -5.96 -4.01 5.84
N TRP A 178 -7.21 -4.47 6.03
CA TRP A 178 -8.28 -4.10 5.09
C TRP A 178 -9.22 -3.05 5.65
N THR A 179 -8.97 -2.64 6.88
CA THR A 179 -9.79 -1.61 7.51
C THR A 179 -9.15 -0.26 7.24
N LEU A 180 -9.76 0.54 6.37
CA LEU A 180 -9.20 1.85 6.06
C LEU A 180 -9.24 2.76 7.28
N PRO A 181 -8.27 3.67 7.38
CA PRO A 181 -8.38 4.73 8.40
C PRO A 181 -9.55 5.63 8.03
N ASN A 182 -10.10 6.32 9.03
CA ASN A 182 -10.99 7.45 8.77
C ASN A 182 -10.12 8.66 8.50
N TYR A 183 -9.83 8.92 7.23
CA TYR A 183 -8.87 9.94 6.86
C TYR A 183 -9.24 11.33 7.38
N SER A 184 -10.53 11.57 7.57
CA SER A 184 -10.99 12.87 8.06
C SER A 184 -11.46 12.84 9.51
N GLY A 185 -11.22 11.73 10.19
CA GLY A 185 -11.56 11.63 11.60
C GLY A 185 -12.92 11.01 11.88
N ALA A 186 -13.39 11.16 13.11
CA ALA A 186 -14.62 10.53 13.55
C ALA A 186 -15.83 11.01 12.76
N LEU A 187 -16.75 10.08 12.52
CA LEU A 187 -18.08 10.38 11.97
C LEU A 187 -18.05 11.05 10.61
N THR A 188 -16.90 11.01 9.94
CA THR A 188 -16.77 11.58 8.61
C THR A 188 -16.48 10.45 7.62
N LEU A 189 -17.14 10.49 6.46
CA LEU A 189 -16.90 9.47 5.44
C LEU A 189 -15.67 9.77 4.61
N ASN A 190 -14.97 8.72 4.22
CA ASN A 190 -13.85 8.86 3.31
C ASN A 190 -14.35 9.24 1.93
N MET A 191 -13.53 9.94 1.16
CA MET A 191 -13.93 10.33 -0.19
C MET A 191 -12.86 9.99 -1.21
N GLY A 192 -13.26 9.95 -2.48
CA GLY A 192 -12.32 9.76 -3.58
C GLY A 192 -11.61 8.43 -3.52
N LEU A 193 -12.27 7.43 -2.95
CA LEU A 193 -11.68 6.12 -2.76
C LEU A 193 -11.58 5.33 -4.07
N ALA A 194 -10.47 4.63 -4.25
CA ALA A 194 -10.43 3.55 -5.21
C ALA A 194 -11.47 2.53 -4.75
N PRO A 195 -12.23 1.96 -5.69
CA PRO A 195 -13.32 1.05 -5.32
C PRO A 195 -12.84 -0.27 -4.72
N PRO A 196 -13.71 -0.95 -3.95
CA PRO A 196 -13.32 -2.27 -3.45
C PRO A 196 -13.20 -3.23 -4.61
N VAL A 197 -12.36 -4.25 -4.46
CA VAL A 197 -12.24 -5.28 -5.48
C VAL A 197 -12.67 -6.62 -4.89
N ALA A 198 -13.25 -7.47 -5.74
CA ALA A 198 -13.69 -8.79 -5.32
C ALA A 198 -13.74 -9.68 -6.54
N PRO A 199 -13.51 -10.99 -6.34
CA PRO A 199 -13.65 -11.96 -7.42
C PRO A 199 -15.13 -12.21 -7.72
N THR A 200 -15.58 -11.71 -8.87
CA THR A 200 -16.97 -11.85 -9.30
C THR A 200 -17.22 -13.21 -9.95
N PHE A 201 -16.28 -13.63 -10.79
CA PHE A 201 -16.43 -14.85 -11.58
C PHE A 201 -16.36 -16.11 -10.71
N PRO A 202 -17.29 -17.05 -10.93
CA PRO A 202 -17.33 -18.22 -10.05
C PRO A 202 -16.04 -19.02 -10.09
N GLY A 203 -15.56 -19.43 -8.93
CA GLY A 203 -14.34 -20.21 -8.82
C GLY A 203 -13.06 -19.39 -8.71
N GLU A 204 -13.17 -18.07 -8.73
CA GLU A 204 -11.99 -17.20 -8.73
C GLU A 204 -11.74 -16.56 -7.37
N GLN A 205 -10.48 -16.17 -7.16
CA GLN A 205 -10.05 -15.51 -5.95
C GLN A 205 -9.05 -14.44 -6.36
N ILE A 206 -8.89 -13.45 -5.52
CA ILE A 206 -7.85 -12.46 -5.76
C ILE A 206 -6.49 -13.09 -5.49
N LEU A 207 -5.52 -12.75 -6.32
CA LEU A 207 -4.14 -13.15 -6.10
C LEU A 207 -3.42 -11.92 -5.55
N PHE A 208 -2.73 -12.07 -4.42
CA PHE A 208 -2.04 -10.95 -3.77
C PHE A 208 -0.53 -11.09 -3.83
N PHE A 209 0.15 -9.97 -3.70
CA PHE A 209 1.59 -9.93 -3.50
C PHE A 209 1.83 -9.57 -2.05
N ARG A 210 2.38 -10.53 -1.30
CA ARG A 210 2.39 -10.48 0.16
C ARG A 210 3.77 -10.19 0.73
N SER A 211 3.79 -9.38 1.78
CA SER A 211 5.01 -9.10 2.50
C SER A 211 4.78 -9.31 4.00
N HIS A 212 5.74 -9.91 4.68
CA HIS A 212 5.66 -10.05 6.13
C HIS A 212 6.42 -8.91 6.77
N ILE A 213 5.70 -7.96 7.38
CA ILE A 213 6.32 -6.73 7.86
C ILE A 213 6.82 -6.80 9.30
N PRO A 214 7.82 -5.97 9.63
CA PRO A 214 8.44 -5.96 10.96
C PRO A 214 7.45 -5.61 12.06
N LEU A 215 7.75 -6.09 13.27
CA LEU A 215 6.89 -5.88 14.44
C LEU A 215 7.74 -5.54 15.66
N LYS A 216 7.34 -4.50 16.38
CA LYS A 216 8.12 -3.98 17.50
C LYS A 216 8.12 -4.95 18.68
N GLY A 217 6.99 -5.62 18.90
CA GLY A 217 6.88 -6.57 20.00
C GLY A 217 5.69 -7.48 19.88
N GLY A 218 5.64 -8.50 20.74
CA GLY A 218 4.55 -9.46 20.73
C GLY A 218 4.80 -10.63 19.80
N VAL A 219 3.89 -11.59 19.80
CA VAL A 219 4.01 -12.75 18.92
C VAL A 219 2.96 -12.69 17.82
N ALA A 220 3.41 -12.62 16.58
CA ALA A 220 2.50 -12.53 15.45
C ALA A 220 3.27 -12.56 14.15
N ASP A 221 2.55 -12.63 13.03
CA ASP A 221 3.15 -12.63 11.70
C ASP A 221 2.33 -11.68 10.83
N PRO A 222 2.48 -10.37 11.05
CA PRO A 222 1.68 -9.38 10.33
C PRO A 222 2.06 -9.32 8.86
N VAL A 223 1.07 -9.35 7.99
CA VAL A 223 1.31 -9.33 6.56
C VAL A 223 0.57 -8.18 5.91
N ILE A 224 1.14 -7.68 4.82
CA ILE A 224 0.50 -6.67 3.99
C ILE A 224 0.41 -7.22 2.57
N ASP A 225 -0.81 -7.32 2.07
CA ASP A 225 -1.06 -7.81 0.72
C ASP A 225 -1.42 -6.67 -0.21
N CYS A 226 -0.73 -6.58 -1.34
CA CYS A 226 -1.05 -5.54 -2.31
C CYS A 226 -1.56 -6.16 -3.60
N LEU A 227 -2.31 -5.39 -4.37
CA LEU A 227 -2.97 -5.92 -5.57
C LEU A 227 -2.00 -5.98 -6.74
N LEU A 228 -1.11 -5.01 -6.82
CA LEU A 228 -0.08 -4.93 -7.86
C LEU A 228 1.22 -4.50 -7.18
N PRO A 229 2.34 -5.09 -7.59
CA PRO A 229 3.58 -4.60 -6.99
C PRO A 229 3.86 -3.18 -7.45
N GLN A 230 4.62 -2.43 -6.67
CA GLN A 230 4.94 -1.06 -7.04
C GLN A 230 5.57 -0.94 -8.43
N GLU A 231 6.40 -1.89 -8.81
CA GLU A 231 7.08 -1.78 -10.11
C GLU A 231 6.07 -1.89 -11.26
N TRP A 232 5.04 -2.68 -11.08
CA TRP A 232 4.05 -2.81 -12.12
C TRP A 232 3.32 -1.49 -12.29
N ILE A 233 2.98 -0.86 -11.17
CA ILE A 233 2.37 0.47 -11.19
C ILE A 233 3.26 1.49 -11.87
N GLN A 234 4.55 1.48 -11.56
CA GLN A 234 5.49 2.39 -12.19
C GLN A 234 5.55 2.17 -13.70
N HIS A 235 5.54 0.89 -14.10
CA HIS A 235 5.58 0.49 -15.51
C HIS A 235 4.31 0.91 -16.26
N LEU A 236 3.17 0.61 -15.67
CA LEU A 236 1.87 1.00 -16.23
C LEU A 236 1.79 2.51 -16.43
N TYR A 237 2.17 3.25 -15.39
CA TYR A 237 2.21 4.71 -15.48
C TYR A 237 3.03 5.23 -16.66
N GLN A 238 4.24 4.68 -16.85
CA GLN A 238 5.09 5.08 -17.96
C GLN A 238 4.47 4.70 -19.31
N GLU A 239 4.02 3.46 -19.40
CA GLU A 239 3.50 2.93 -20.67
C GLU A 239 2.22 3.59 -21.13
N SER A 240 1.31 3.87 -20.20
CA SER A 240 -0.01 4.41 -20.53
C SER A 240 -0.63 3.77 -21.77
N ALA A 241 -0.48 2.45 -21.89
CA ALA A 241 -1.06 1.72 -23.01
C ALA A 241 -2.56 1.55 -22.83
N PRO A 242 -3.34 1.79 -23.90
CA PRO A 242 -4.80 1.68 -23.81
C PRO A 242 -5.21 0.23 -23.58
N SER A 243 -6.07 -0.01 -22.59
CA SER A 243 -6.58 -1.36 -22.35
C SER A 243 -7.56 -1.73 -23.46
N GLN A 244 -7.36 -2.89 -24.07
CA GLN A 244 -8.21 -3.32 -25.19
C GLN A 244 -9.47 -4.08 -24.76
N SER A 245 -9.44 -4.64 -23.54
CA SER A 245 -10.62 -5.27 -22.96
C SER A 245 -10.56 -5.08 -21.46
N ASP A 246 -11.50 -5.66 -20.73
CA ASP A 246 -11.52 -5.49 -19.28
C ASP A 246 -10.60 -6.48 -18.56
N VAL A 247 -9.96 -7.36 -19.33
CA VAL A 247 -9.08 -8.37 -18.74
C VAL A 247 -7.88 -8.73 -19.63
N ALA A 248 -6.70 -8.64 -19.03
CA ALA A 248 -5.48 -9.14 -19.66
C ALA A 248 -5.16 -10.53 -19.11
N LEU A 249 -5.10 -11.52 -19.99
CA LEU A 249 -4.65 -12.85 -19.60
C LEU A 249 -3.13 -12.82 -19.42
N ILE A 250 -2.67 -13.18 -18.23
CA ILE A 250 -1.23 -13.21 -17.95
C ILE A 250 -0.85 -14.62 -17.51
N ARG A 251 0.39 -15.01 -17.79
CA ARG A 251 0.83 -16.37 -17.48
C ARG A 251 2.13 -16.35 -16.71
N PHE A 252 2.15 -17.00 -15.54
CA PHE A 252 3.36 -17.04 -14.74
C PHE A 252 4.27 -18.08 -15.35
N THR A 253 5.45 -17.64 -15.79
CA THR A 253 6.29 -18.47 -16.63
C THR A 253 7.69 -18.62 -16.07
N ASN A 254 8.20 -19.84 -16.10
CA ASN A 254 9.58 -20.09 -15.77
C ASN A 254 10.39 -19.86 -17.05
N PRO A 255 11.24 -18.82 -17.05
CA PRO A 255 11.99 -18.46 -18.27
C PRO A 255 13.04 -19.51 -18.63
N ASP A 256 13.47 -20.32 -17.67
CA ASP A 256 14.45 -21.36 -17.93
C ASP A 256 13.81 -22.56 -18.64
N THR A 257 12.84 -23.19 -17.97
CA THR A 257 12.20 -24.38 -18.51
C THR A 257 11.14 -24.05 -19.56
N GLY A 258 10.64 -22.82 -19.55
CA GLY A 258 9.58 -22.43 -20.46
C GLY A 258 8.22 -22.83 -19.90
N ARG A 259 8.25 -23.56 -18.79
CA ARG A 259 7.03 -23.99 -18.11
C ARG A 259 6.12 -22.81 -17.72
N VAL A 260 4.89 -22.84 -18.19
CA VAL A 260 3.87 -21.93 -17.71
C VAL A 260 3.22 -22.58 -16.50
N LEU A 261 3.52 -22.06 -15.31
CA LEU A 261 3.04 -22.66 -14.07
C LEU A 261 1.53 -22.51 -13.89
N PHE A 262 1.03 -21.31 -14.07
CA PHE A 262 -0.40 -21.05 -13.99
C PHE A 262 -0.77 -19.77 -14.73
N GLU A 263 -2.06 -19.54 -14.92
CA GLU A 263 -2.51 -18.34 -15.60
C GLU A 263 -3.46 -17.54 -14.72
N ALA A 264 -3.58 -16.25 -15.01
CA ALA A 264 -4.38 -15.37 -14.17
C ALA A 264 -5.05 -14.29 -15.02
N LYS A 265 -6.08 -13.67 -14.47
CA LYS A 265 -6.74 -12.55 -15.11
C LYS A 265 -6.26 -11.26 -14.47
N LEU A 266 -5.61 -10.41 -15.26
CA LEU A 266 -5.24 -9.08 -14.81
C LEU A 266 -6.33 -8.10 -15.26
N HIS A 267 -7.12 -7.64 -14.30
CA HIS A 267 -8.29 -6.81 -14.59
C HIS A 267 -7.91 -5.36 -14.92
N ARG A 268 -8.72 -4.74 -15.78
CA ARG A 268 -8.50 -3.37 -16.24
C ARG A 268 -8.33 -2.38 -15.10
N SER A 269 -9.02 -2.61 -13.99
CA SER A 269 -8.96 -1.68 -12.85
C SER A 269 -7.75 -1.92 -11.95
N GLY A 270 -6.96 -2.93 -12.27
CA GLY A 270 -5.69 -3.16 -11.59
C GLY A 270 -5.71 -4.14 -10.44
N TYR A 271 -6.22 -5.34 -10.68
CA TYR A 271 -6.06 -6.41 -9.71
C TYR A 271 -6.08 -7.75 -10.45
N ILE A 272 -5.64 -8.80 -9.78
CA ILE A 272 -5.50 -10.10 -10.42
C ILE A 272 -6.44 -11.11 -9.78
N THR A 273 -7.09 -11.92 -10.59
CA THR A 273 -7.82 -13.06 -10.06
C THR A 273 -7.27 -14.37 -10.62
N VAL A 274 -7.45 -15.46 -9.88
CA VAL A 274 -7.03 -16.78 -10.31
C VAL A 274 -8.13 -17.80 -9.99
N ALA A 275 -8.18 -18.89 -10.73
CA ALA A 275 -9.10 -19.96 -10.42
C ALA A 275 -8.50 -20.79 -9.30
N ASN A 276 -8.99 -20.55 -8.08
CA ASN A 276 -8.44 -21.14 -6.88
C ASN A 276 -9.51 -21.11 -5.79
N THR A 277 -9.58 -22.16 -4.98
CA THR A 277 -10.70 -22.33 -4.06
C THR A 277 -10.28 -22.35 -2.58
N GLY A 278 -8.98 -22.27 -2.33
CA GLY A 278 -8.49 -22.31 -0.97
C GLY A 278 -7.48 -21.22 -0.66
N SER A 279 -7.13 -21.08 0.60
CA SER A 279 -6.16 -20.09 1.02
C SER A 279 -4.79 -20.73 1.18
N ARG A 280 -3.96 -20.59 0.16
CA ARG A 280 -2.61 -21.11 0.20
C ARG A 280 -1.61 -20.05 -0.22
N PRO A 281 -0.35 -20.24 0.19
CA PRO A 281 0.76 -19.45 -0.34
C PRO A 281 1.26 -20.15 -1.59
N ILE A 282 1.12 -19.52 -2.74
CA ILE A 282 1.67 -20.07 -3.96
C ILE A 282 3.18 -20.20 -3.74
N VAL A 283 3.79 -21.18 -4.38
CA VAL A 283 5.26 -21.30 -4.34
C VAL A 283 5.78 -21.37 -5.76
N VAL A 284 6.38 -20.28 -6.22
CA VAL A 284 6.85 -20.18 -7.58
C VAL A 284 8.38 -20.17 -7.63
N PRO A 285 8.95 -20.58 -8.76
CA PRO A 285 10.39 -20.53 -8.98
C PRO A 285 10.92 -19.10 -8.86
N ALA A 286 12.15 -18.96 -8.36
CA ALA A 286 12.75 -17.66 -8.13
C ALA A 286 12.93 -16.88 -9.42
N ASN A 287 13.08 -17.61 -10.52
CA ASN A 287 13.33 -16.99 -11.82
C ASN A 287 12.05 -16.65 -12.60
N GLY A 288 10.90 -17.00 -12.04
CA GLY A 288 9.63 -16.86 -12.76
C GLY A 288 9.00 -15.47 -12.71
N TYR A 289 8.18 -15.18 -13.71
CA TYR A 289 7.43 -13.92 -13.72
C TYR A 289 6.23 -14.00 -14.65
N PHE A 290 5.26 -13.13 -14.38
CA PHE A 290 4.08 -13.03 -15.22
C PHE A 290 4.45 -12.40 -16.57
N ARG A 291 3.88 -12.95 -17.64
CA ARG A 291 4.02 -12.38 -18.97
C ARG A 291 2.63 -12.16 -19.53
N PHE A 292 2.43 -11.02 -20.18
CA PHE A 292 1.16 -10.76 -20.86
C PHE A 292 0.99 -11.75 -21.99
N ASP A 293 -0.18 -12.39 -22.05
CA ASP A 293 -0.44 -13.31 -23.13
C ASP A 293 -1.37 -12.69 -24.17
N SER A 294 -2.52 -12.19 -23.71
CA SER A 294 -3.50 -11.63 -24.62
C SER A 294 -4.66 -10.99 -23.88
N TRP A 295 -5.44 -10.19 -24.60
CA TRP A 295 -6.66 -9.62 -24.05
C TRP A 295 -7.80 -10.61 -24.21
N VAL A 296 -8.57 -10.81 -23.14
CA VAL A 296 -9.71 -11.71 -23.14
C VAL A 296 -10.90 -11.01 -22.50
N ASN A 297 -12.02 -11.71 -22.35
CA ASN A 297 -13.16 -11.09 -21.69
C ASN A 297 -13.27 -11.50 -20.22
N GLN A 298 -14.09 -10.75 -19.47
CA GLN A 298 -14.24 -10.98 -18.04
C GLN A 298 -14.77 -12.37 -17.70
N PHE A 299 -15.29 -13.07 -18.71
CA PHE A 299 -15.92 -14.37 -18.51
C PHE A 299 -15.07 -15.53 -19.02
N TYR A 300 -13.81 -15.24 -19.38
CA TYR A 300 -12.86 -16.25 -19.80
C TYR A 300 -12.64 -17.22 -18.64
N SER A 301 -12.58 -18.51 -18.94
CA SER A 301 -12.44 -19.51 -17.89
C SER A 301 -10.98 -19.92 -17.71
N LEU A 302 -10.41 -19.58 -16.55
CA LEU A 302 -9.02 -19.90 -16.25
C LEU A 302 -8.84 -21.36 -15.89
N ALA A 303 -7.68 -21.90 -16.26
CA ALA A 303 -7.27 -23.21 -15.76
C ALA A 303 -7.08 -23.11 -14.26
N PRO A 304 -7.73 -24.00 -13.50
CA PRO A 304 -7.58 -23.98 -12.04
C PRO A 304 -6.13 -24.23 -11.61
N MET A 305 -5.67 -23.47 -10.62
CA MET A 305 -4.34 -23.68 -10.08
C MET A 305 -4.30 -25.01 -9.32
C1 GAL B . 23.75 16.85 22.01
C2 GAL B . 23.09 15.74 21.19
C3 GAL B . 23.22 14.36 21.84
C4 GAL B . 24.54 14.16 22.58
C5 GAL B . 24.88 15.40 23.40
C6 GAL B . 26.18 15.20 24.17
O1 GAL B . 23.90 18.00 21.21
O2 GAL B . 21.73 16.08 21.03
O3 GAL B . 23.14 13.37 20.83
O4 GAL B . 25.58 13.93 21.65
O5 GAL B . 25.01 16.45 22.49
O6 GAL B . 26.29 16.20 25.16
C1 FUC B . 21.30 16.02 19.65
C2 FUC B . 19.80 16.29 19.58
C3 FUC B . 19.49 17.75 19.92
C4 FUC B . 20.33 18.67 19.05
C5 FUC B . 21.80 18.27 19.09
C6 FUC B . 22.61 19.12 18.13
O2 FUC B . 19.12 15.47 20.51
O3 FUC B . 18.12 18.02 19.68
O4 FUC B . 19.85 18.63 17.71
O5 FUC B . 21.96 16.90 18.76
C1 GLA B . 22.41 12.18 21.23
C2 GLA B . 21.47 11.77 20.09
C3 GLA B . 20.29 12.72 20.02
C4 GLA B . 19.54 12.62 21.33
C5 GLA B . 20.47 12.98 22.49
C6 GLA B . 19.74 12.74 23.81
O2 GLA B . 22.19 11.81 18.84
O3 GLA B . 19.42 12.35 18.95
O4 GLA B . 19.06 11.27 21.51
O5 GLA B . 21.69 12.24 22.47
O6 GLA B . 20.53 13.28 24.88
C1 EDO C . 2.10 11.18 2.91
O1 EDO C . 2.14 11.15 4.33
C2 EDO C . 2.18 12.64 2.45
O2 EDO C . 3.41 13.20 2.92
C1 EDO D . 10.65 -1.38 -13.74
O1 EDO D . 10.60 -1.08 -12.35
C2 EDO D . 9.35 -0.98 -14.41
O2 EDO D . 9.55 -0.96 -15.84
#